data_1LVZ
#
_entry.id   1LVZ
#
_entity_poly.entity_id   1
_entity_poly.type   'polypeptide(L)'
_entity_poly.pdbx_seq_one_letter_code
;IRENLKDSGLF
;
_entity_poly.pdbx_strand_id   A
#
# COMPACT_ATOMS: atom_id res chain seq x y z
N ILE A 1 8.51 0.46 1.23
CA ILE A 1 7.24 0.49 2.02
C ILE A 1 6.06 0.41 1.05
N ARG A 2 6.32 0.57 -0.22
CA ARG A 2 5.25 0.52 -1.25
C ARG A 2 4.36 -0.70 -1.04
N GLU A 3 4.89 -1.75 -0.47
CA GLU A 3 4.05 -2.97 -0.25
C GLU A 3 3.06 -2.71 0.89
N ASN A 4 3.42 -1.90 1.84
CA ASN A 4 2.49 -1.60 2.96
C ASN A 4 1.32 -0.79 2.40
N LEU A 5 1.62 0.26 1.67
CA LEU A 5 0.54 1.09 1.08
C LEU A 5 -0.23 0.25 0.07
N LYS A 6 0.46 -0.53 -0.72
CA LYS A 6 -0.22 -1.38 -1.73
C LYS A 6 -1.31 -2.19 -1.02
N ASP A 7 -1.05 -2.59 0.19
CA ASP A 7 -2.07 -3.39 0.95
C ASP A 7 -3.23 -2.47 1.33
N SER A 8 -2.95 -1.28 1.78
CA SER A 8 -4.05 -0.37 2.15
C SER A 8 -5.01 -0.22 0.97
N GLY A 9 -4.48 -0.24 -0.23
CA GLY A 9 -5.37 -0.11 -1.42
C GLY A 9 -5.69 1.37 -1.66
N LEU A 10 -5.27 2.24 -0.79
CA LEU A 10 -5.54 3.69 -0.98
C LEU A 10 -4.44 4.29 -1.86
N PHE A 11 -3.65 3.46 -2.47
CA PHE A 11 -2.54 3.95 -3.33
C PHE A 11 -2.43 3.06 -4.58
N ILE A 1 8.41 0.77 0.71
CA ILE A 1 7.28 0.83 1.68
C ILE A 1 5.97 0.64 0.91
N ARG A 2 6.03 0.69 -0.40
CA ARG A 2 4.80 0.49 -1.21
C ARG A 2 4.10 -0.79 -0.75
N GLU A 3 4.87 -1.75 -0.33
CA GLU A 3 4.29 -3.04 0.14
C GLU A 3 3.09 -2.77 1.07
N ASN A 4 3.32 -1.98 2.08
CA ASN A 4 2.22 -1.67 3.05
C ASN A 4 1.16 -0.79 2.37
N LEU A 5 1.57 0.23 1.66
CA LEU A 5 0.58 1.10 0.99
C LEU A 5 -0.21 0.29 -0.03
N LYS A 6 0.40 -0.64 -0.68
CA LYS A 6 -0.31 -1.47 -1.69
C LYS A 6 -1.40 -2.28 -0.98
N ASP A 7 -1.11 -2.82 0.17
CA ASP A 7 -2.14 -3.61 0.91
C ASP A 7 -3.28 -2.67 1.33
N SER A 8 -2.97 -1.46 1.68
CA SER A 8 -4.04 -0.51 2.08
C SER A 8 -4.94 -0.24 0.86
N GLY A 9 -4.39 -0.25 -0.32
CA GLY A 9 -5.22 -0.01 -1.53
C GLY A 9 -5.53 1.48 -1.64
N LEU A 10 -5.00 2.29 -0.75
CA LEU A 10 -5.24 3.75 -0.82
C LEU A 10 -4.17 4.37 -1.73
N PHE A 11 -3.42 3.53 -2.39
CA PHE A 11 -2.35 4.02 -3.30
C PHE A 11 -2.31 3.15 -4.55
N ILE A 1 8.39 0.72 0.87
CA ILE A 1 7.23 0.74 1.79
C ILE A 1 5.94 0.57 0.98
N ARG A 2 6.07 0.50 -0.32
CA ARG A 2 4.87 0.30 -1.17
C ARG A 2 4.11 -0.92 -0.66
N GLU A 3 4.82 -1.86 -0.11
CA GLU A 3 4.18 -3.11 0.41
C GLU A 3 2.91 -2.73 1.20
N ASN A 4 3.04 -1.86 2.15
CA ASN A 4 1.87 -1.44 2.97
C ASN A 4 0.95 -0.56 2.13
N LEU A 5 1.49 0.42 1.45
CA LEU A 5 0.62 1.30 0.63
C LEU A 5 -0.19 0.44 -0.35
N LYS A 6 0.44 -0.55 -0.93
CA LYS A 6 -0.27 -1.43 -1.90
C LYS A 6 -1.30 -2.28 -1.15
N ASP A 7 -0.94 -2.82 -0.01
CA ASP A 7 -1.91 -3.66 0.74
C ASP A 7 -3.02 -2.78 1.30
N SER A 8 -2.72 -1.55 1.62
CA SER A 8 -3.77 -0.64 2.15
C SER A 8 -4.77 -0.35 1.03
N GLY A 9 -4.31 -0.25 -0.19
CA GLY A 9 -5.25 0.01 -1.31
C GLY A 9 -5.55 1.50 -1.44
N LEU A 10 -4.98 2.31 -0.60
CA LEU A 10 -5.21 3.79 -0.70
C LEU A 10 -4.20 4.37 -1.68
N PHE A 11 -3.48 3.53 -2.36
CA PHE A 11 -2.45 4.00 -3.34
C PHE A 11 -2.57 3.17 -4.63
N ILE A 1 8.40 0.49 1.20
CA ILE A 1 7.15 0.50 2.01
C ILE A 1 5.95 0.46 1.05
N ARG A 2 6.19 0.77 -0.20
CA ARG A 2 5.10 0.75 -1.21
C ARG A 2 4.24 -0.52 -1.06
N GLU A 3 4.81 -1.59 -0.58
CA GLU A 3 4.00 -2.84 -0.44
C GLU A 3 3.01 -2.66 0.72
N ASN A 4 3.39 -1.93 1.74
CA ASN A 4 2.44 -1.70 2.86
C ASN A 4 1.30 -0.84 2.34
N LEU A 5 1.61 0.21 1.62
CA LEU A 5 0.53 1.07 1.07
C LEU A 5 -0.28 0.25 0.08
N LYS A 6 0.38 -0.60 -0.65
CA LYS A 6 -0.34 -1.46 -1.64
C LYS A 6 -1.42 -2.25 -0.91
N ASP A 7 -1.14 -2.67 0.29
CA ASP A 7 -2.14 -3.44 1.08
C ASP A 7 -3.31 -2.52 1.42
N SER A 8 -3.03 -1.36 1.92
CA SER A 8 -4.13 -0.42 2.25
C SER A 8 -5.02 -0.24 1.02
N GLY A 9 -4.43 -0.27 -0.16
CA GLY A 9 -5.26 -0.11 -1.39
C GLY A 9 -5.56 1.36 -1.65
N LEU A 10 -5.07 2.23 -0.81
CA LEU A 10 -5.31 3.69 -1.03
C LEU A 10 -4.16 4.26 -1.86
N PHE A 11 -3.43 3.40 -2.52
CA PHE A 11 -2.27 3.87 -3.35
C PHE A 11 -2.17 2.98 -4.60
N ILE A 1 6.38 1.09 3.16
CA ILE A 1 7.00 0.34 2.03
C ILE A 1 5.99 0.28 0.87
N ARG A 2 6.46 0.37 -0.34
CA ARG A 2 5.53 0.33 -1.51
C ARG A 2 4.53 -0.82 -1.37
N GLU A 3 4.95 -1.91 -0.79
CA GLU A 3 4.00 -3.06 -0.60
C GLU A 3 3.11 -2.76 0.61
N ASN A 4 3.54 -1.87 1.46
CA ASN A 4 2.68 -1.52 2.62
C ASN A 4 1.51 -0.70 2.10
N LEU A 5 1.79 0.35 1.37
CA LEU A 5 0.68 1.17 0.81
C LEU A 5 -0.21 0.27 -0.05
N LYS A 6 0.40 -0.60 -0.80
CA LYS A 6 -0.37 -1.53 -1.67
C LYS A 6 -1.38 -2.31 -0.82
N ASP A 7 -1.00 -2.66 0.37
CA ASP A 7 -1.92 -3.42 1.26
C ASP A 7 -3.10 -2.52 1.66
N SER A 8 -2.84 -1.28 1.93
CA SER A 8 -3.94 -0.36 2.31
C SER A 8 -4.88 -0.20 1.11
N GLY A 9 -4.34 -0.19 -0.09
CA GLY A 9 -5.21 -0.06 -1.30
C GLY A 9 -5.60 1.40 -1.55
N LEU A 10 -5.14 2.30 -0.73
CA LEU A 10 -5.47 3.75 -0.94
C LEU A 10 -4.41 4.35 -1.86
N PHE A 11 -3.63 3.51 -2.52
CA PHE A 11 -2.56 4.01 -3.43
C PHE A 11 -2.54 3.16 -4.70
N ILE A 1 8.46 0.52 1.81
CA ILE A 1 7.12 0.51 2.46
C ILE A 1 6.04 0.63 1.37
N ARG A 2 6.45 0.66 0.13
CA ARG A 2 5.47 0.78 -0.99
C ARG A 2 4.52 -0.41 -1.01
N GLU A 3 4.98 -1.58 -0.69
CA GLU A 3 4.08 -2.75 -0.70
C GLU A 3 3.09 -2.63 0.47
N ASN A 4 3.49 -1.98 1.52
CA ASN A 4 2.54 -1.80 2.66
C ASN A 4 1.39 -0.95 2.14
N LEU A 5 1.67 0.04 1.35
CA LEU A 5 0.60 0.90 0.78
C LEU A 5 -0.30 0.04 -0.10
N LYS A 6 0.28 -0.82 -0.89
CA LYS A 6 -0.56 -1.68 -1.77
C LYS A 6 -1.60 -2.40 -0.91
N ASP A 7 -1.23 -2.77 0.29
CA ASP A 7 -2.19 -3.46 1.18
C ASP A 7 -3.26 -2.47 1.64
N SER A 8 -2.88 -1.25 1.88
CA SER A 8 -3.89 -0.23 2.30
C SER A 8 -4.91 -0.06 1.18
N GLY A 9 -4.49 -0.13 -0.06
CA GLY A 9 -5.44 0.02 -1.18
C GLY A 9 -5.72 1.50 -1.47
N LEU A 10 -5.11 2.39 -0.71
CA LEU A 10 -5.34 3.84 -0.96
C LEU A 10 -4.29 4.33 -1.97
N PHE A 11 -3.65 3.42 -2.65
CA PHE A 11 -2.60 3.81 -3.64
C PHE A 11 -2.70 2.88 -4.86
N ILE A 1 7.48 -1.43 2.21
CA ILE A 1 7.44 0.05 1.99
C ILE A 1 6.25 0.39 1.09
N ARG A 2 6.51 0.81 -0.12
CA ARG A 2 5.39 1.14 -1.05
C ARG A 2 4.46 -0.07 -1.12
N GLU A 3 4.93 -1.22 -0.70
CA GLU A 3 4.07 -2.43 -0.72
C GLU A 3 3.12 -2.38 0.47
N ASN A 4 3.55 -1.79 1.55
CA ASN A 4 2.64 -1.68 2.73
C ASN A 4 1.47 -0.80 2.30
N LEU A 5 1.76 0.27 1.59
CA LEU A 5 0.65 1.15 1.12
C LEU A 5 -0.21 0.35 0.13
N LYS A 6 0.42 -0.43 -0.71
CA LYS A 6 -0.36 -1.25 -1.68
C LYS A 6 -1.41 -2.05 -0.92
N ASP A 7 -1.08 -2.48 0.27
CA ASP A 7 -2.05 -3.26 1.08
C ASP A 7 -3.20 -2.34 1.47
N SER A 8 -2.91 -1.16 1.91
CA SER A 8 -3.99 -0.21 2.26
C SER A 8 -4.99 -0.14 1.10
N GLY A 9 -4.53 -0.29 -0.11
CA GLY A 9 -5.45 -0.23 -1.27
C GLY A 9 -5.79 1.21 -1.60
N LEU A 10 -5.28 2.13 -0.82
CA LEU A 10 -5.56 3.58 -1.09
C LEU A 10 -4.48 4.09 -2.06
N PHE A 11 -3.68 3.20 -2.58
CA PHE A 11 -2.59 3.61 -3.52
C PHE A 11 -2.52 2.61 -4.67
N ILE A 1 8.47 0.66 1.66
CA ILE A 1 7.13 0.35 2.23
C ILE A 1 6.07 0.38 1.11
N ARG A 2 6.48 0.38 -0.13
CA ARG A 2 5.50 0.44 -1.25
C ARG A 2 4.49 -0.71 -1.15
N GLU A 3 4.89 -1.84 -0.63
CA GLU A 3 3.93 -2.97 -0.52
C GLU A 3 2.99 -2.73 0.66
N ASN A 4 3.38 -1.88 1.57
CA ASN A 4 2.50 -1.59 2.74
C ASN A 4 1.33 -0.72 2.24
N LEU A 5 1.62 0.37 1.59
CA LEU A 5 0.52 1.22 1.06
C LEU A 5 -0.30 0.38 0.09
N LYS A 6 0.38 -0.48 -0.64
CA LYS A 6 -0.35 -1.35 -1.60
C LYS A 6 -1.39 -2.17 -0.85
N ASP A 7 -1.04 -2.61 0.33
CA ASP A 7 -1.99 -3.42 1.15
C ASP A 7 -3.17 -2.53 1.53
N SER A 8 -2.92 -1.28 1.80
CA SER A 8 -4.03 -0.37 2.17
C SER A 8 -4.98 -0.24 0.98
N GLY A 9 -4.46 -0.27 -0.22
CA GLY A 9 -5.33 -0.15 -1.41
C GLY A 9 -5.72 1.31 -1.64
N LEU A 10 -5.22 2.20 -0.81
CA LEU A 10 -5.53 3.64 -0.99
C LEU A 10 -4.45 4.28 -1.86
N PHE A 11 -3.68 3.48 -2.54
CA PHE A 11 -2.59 3.99 -3.41
C PHE A 11 -2.51 3.15 -4.69
N ILE A 1 6.18 1.62 2.89
CA ILE A 1 6.84 0.79 1.85
C ILE A 1 5.85 0.59 0.68
N ARG A 2 6.37 0.34 -0.50
CA ARG A 2 5.48 0.16 -1.68
C ARG A 2 4.49 -0.97 -1.44
N GLU A 3 4.90 -2.03 -0.79
CA GLU A 3 3.98 -3.16 -0.53
C GLU A 3 3.10 -2.86 0.69
N ASN A 4 3.54 -2.01 1.58
CA ASN A 4 2.68 -1.69 2.75
C ASN A 4 1.51 -0.83 2.25
N LEU A 5 1.79 0.19 1.50
CA LEU A 5 0.70 1.04 0.96
C LEU A 5 -0.17 0.17 0.05
N LYS A 6 0.44 -0.70 -0.71
CA LYS A 6 -0.36 -1.58 -1.60
C LYS A 6 -1.40 -2.33 -0.79
N ASP A 7 -1.05 -2.72 0.41
CA ASP A 7 -2.02 -3.44 1.27
C ASP A 7 -3.15 -2.49 1.64
N SER A 8 -2.85 -1.25 1.83
CA SER A 8 -3.92 -0.27 2.18
C SER A 8 -4.86 -0.12 0.98
N GLY A 9 -4.34 -0.18 -0.21
CA GLY A 9 -5.22 -0.05 -1.42
C GLY A 9 -5.56 1.42 -1.64
N LEU A 10 -5.11 2.29 -0.78
CA LEU A 10 -5.41 3.74 -0.94
C LEU A 10 -4.29 4.38 -1.79
N PHE A 11 -3.49 3.56 -2.41
CA PHE A 11 -2.36 4.08 -3.24
C PHE A 11 -2.26 3.26 -4.53
N ILE A 1 7.30 -0.94 2.37
CA ILE A 1 7.27 0.47 1.91
C ILE A 1 6.11 0.65 0.94
N ARG A 2 6.39 0.59 -0.34
CA ARG A 2 5.30 0.73 -1.34
C ARG A 2 4.39 -0.48 -1.25
N GLU A 3 4.87 -1.55 -0.67
CA GLU A 3 4.02 -2.77 -0.53
C GLU A 3 3.09 -2.56 0.66
N ASN A 4 3.48 -1.73 1.59
CA ASN A 4 2.59 -1.44 2.74
C ASN A 4 1.42 -0.62 2.21
N LEU A 5 1.71 0.43 1.50
CA LEU A 5 0.63 1.26 0.93
C LEU A 5 -0.22 0.38 0.00
N LYS A 6 0.44 -0.51 -0.70
CA LYS A 6 -0.29 -1.43 -1.62
C LYS A 6 -1.32 -2.22 -0.83
N ASP A 7 -1.00 -2.57 0.38
CA ASP A 7 -1.95 -3.35 1.22
C ASP A 7 -3.16 -2.48 1.54
N SER A 8 -2.94 -1.24 1.89
CA SER A 8 -4.09 -0.35 2.21
C SER A 8 -4.99 -0.25 0.97
N GLY A 9 -4.41 -0.32 -0.20
CA GLY A 9 -5.24 -0.23 -1.44
C GLY A 9 -5.63 1.23 -1.69
N LEU A 10 -5.25 2.12 -0.82
CA LEU A 10 -5.57 3.56 -1.01
C LEU A 10 -4.45 4.20 -1.84
N PHE A 11 -3.62 3.38 -2.43
CA PHE A 11 -2.48 3.91 -3.24
C PHE A 11 -2.33 3.05 -4.51
N ILE A 1 6.21 1.30 3.17
CA ILE A 1 6.91 0.51 2.12
C ILE A 1 5.99 0.38 0.89
N ARG A 2 6.56 0.25 -0.28
CA ARG A 2 5.73 0.13 -1.51
C ARG A 2 4.69 -0.98 -1.31
N GLU A 3 5.05 -2.06 -0.68
CA GLU A 3 4.08 -3.17 -0.47
C GLU A 3 3.14 -2.80 0.68
N ASN A 4 3.56 -1.92 1.56
CA ASN A 4 2.65 -1.53 2.66
C ASN A 4 1.51 -0.70 2.06
N LEU A 5 1.85 0.29 1.28
CA LEU A 5 0.80 1.13 0.64
C LEU A 5 -0.12 0.25 -0.21
N LYS A 6 0.45 -0.61 -1.00
CA LYS A 6 -0.38 -1.50 -1.86
C LYS A 6 -1.40 -2.24 -0.99
N ASP A 7 -1.03 -2.58 0.21
CA ASP A 7 -1.98 -3.30 1.11
C ASP A 7 -3.11 -2.36 1.52
N SER A 8 -2.78 -1.15 1.88
CA SER A 8 -3.85 -0.19 2.28
C SER A 8 -4.87 -0.08 1.15
N GLY A 9 -4.43 -0.19 -0.07
CA GLY A 9 -5.39 -0.09 -1.22
C GLY A 9 -5.73 1.38 -1.47
N LEU A 10 -5.23 2.26 -0.64
CA LEU A 10 -5.51 3.72 -0.84
C LEU A 10 -4.45 4.30 -1.77
N PHE A 11 -3.69 3.45 -2.42
CA PHE A 11 -2.62 3.92 -3.33
C PHE A 11 -2.59 3.06 -4.58
N ILE A 1 8.49 0.62 1.05
CA ILE A 1 7.30 0.60 1.93
C ILE A 1 6.04 0.52 1.07
N ARG A 2 6.19 0.68 -0.22
CA ARG A 2 4.99 0.58 -1.12
C ARG A 2 4.24 -0.70 -0.78
N GLU A 3 4.96 -1.71 -0.37
CA GLU A 3 4.32 -3.00 -0.01
C GLU A 3 3.10 -2.75 0.87
N ASN A 4 3.27 -2.01 1.94
CA ASN A 4 2.13 -1.71 2.85
C ASN A 4 1.13 -0.80 2.13
N LEU A 5 1.60 0.25 1.51
CA LEU A 5 0.65 1.16 0.81
C LEU A 5 -0.21 0.32 -0.15
N LYS A 6 0.37 -0.68 -0.76
CA LYS A 6 -0.41 -1.54 -1.69
C LYS A 6 -1.44 -2.33 -0.89
N ASP A 7 -1.06 -2.79 0.28
CA ASP A 7 -2.01 -3.57 1.12
C ASP A 7 -3.12 -2.65 1.59
N SER A 8 -2.86 -1.37 1.63
CA SER A 8 -3.91 -0.41 2.07
C SER A 8 -4.90 -0.21 0.93
N GLY A 9 -4.42 -0.21 -0.29
CA GLY A 9 -5.34 -0.02 -1.45
C GLY A 9 -5.68 1.46 -1.62
N LEU A 10 -5.14 2.30 -0.78
CA LEU A 10 -5.41 3.76 -0.89
C LEU A 10 -4.33 4.38 -1.80
N PHE A 11 -3.56 3.55 -2.44
CA PHE A 11 -2.48 4.04 -3.34
C PHE A 11 -2.44 3.19 -4.61
N ILE A 1 7.41 -1.22 2.35
CA ILE A 1 7.36 0.23 2.03
C ILE A 1 6.26 0.48 0.99
N ARG A 2 6.61 0.47 -0.27
CA ARG A 2 5.60 0.68 -1.32
C ARG A 2 4.61 -0.48 -1.25
N GLU A 3 4.98 -1.54 -0.60
CA GLU A 3 4.07 -2.71 -0.46
C GLU A 3 3.14 -2.48 0.73
N ASN A 4 3.54 -1.65 1.66
CA ASN A 4 2.64 -1.35 2.81
C ASN A 4 1.45 -0.55 2.25
N LEU A 5 1.73 0.47 1.49
CA LEU A 5 0.61 1.27 0.91
C LEU A 5 -0.20 0.35 -0.01
N LYS A 6 0.46 -0.43 -0.81
CA LYS A 6 -0.26 -1.36 -1.72
C LYS A 6 -1.29 -2.15 -0.94
N ASP A 7 -0.98 -2.49 0.29
CA ASP A 7 -1.95 -3.26 1.11
C ASP A 7 -3.15 -2.39 1.45
N SER A 8 -2.92 -1.18 1.88
CA SER A 8 -4.06 -0.28 2.20
C SER A 8 -5.01 -0.23 1.00
N GLY A 9 -4.48 -0.31 -0.19
CA GLY A 9 -5.36 -0.26 -1.40
C GLY A 9 -5.77 1.18 -1.69
N LEU A 10 -5.43 2.08 -0.81
CA LEU A 10 -5.80 3.52 -1.04
C LEU A 10 -4.70 4.17 -1.87
N PHE A 11 -3.83 3.38 -2.44
CA PHE A 11 -2.72 3.92 -3.27
C PHE A 11 -2.52 3.04 -4.50
N ILE A 1 8.49 0.65 1.20
CA ILE A 1 7.25 0.62 2.02
C ILE A 1 6.03 0.48 1.10
N ARG A 2 6.22 0.63 -0.19
CA ARG A 2 5.08 0.50 -1.12
C ARG A 2 4.31 -0.78 -0.78
N GLU A 3 5.01 -1.77 -0.28
CA GLU A 3 4.35 -3.04 0.09
C GLU A 3 3.12 -2.75 0.96
N ASN A 4 3.31 -1.93 1.96
CA ASN A 4 2.17 -1.57 2.86
C ASN A 4 1.15 -0.74 2.08
N LEU A 5 1.62 0.27 1.39
CA LEU A 5 0.69 1.13 0.61
C LEU A 5 -0.15 0.25 -0.32
N LYS A 6 0.44 -0.73 -0.95
CA LYS A 6 -0.34 -1.60 -1.87
C LYS A 6 -1.40 -2.35 -1.07
N ASP A 7 -1.08 -2.74 0.14
CA ASP A 7 -2.07 -3.47 0.98
C ASP A 7 -3.23 -2.54 1.34
N SER A 8 -2.93 -1.39 1.86
CA SER A 8 -4.02 -0.45 2.22
C SER A 8 -4.95 -0.23 1.01
N GLY A 9 -4.39 -0.19 -0.16
CA GLY A 9 -5.25 0.01 -1.37
C GLY A 9 -5.60 1.49 -1.53
N LEU A 10 -5.13 2.33 -0.65
CA LEU A 10 -5.43 3.79 -0.80
C LEU A 10 -4.41 4.38 -1.76
N PHE A 11 -3.66 3.54 -2.42
CA PHE A 11 -2.61 4.01 -3.37
C PHE A 11 -2.55 3.06 -4.56
N ILE A 1 7.26 -0.73 2.37
CA ILE A 1 7.25 0.65 1.84
C ILE A 1 6.08 0.80 0.88
N ARG A 2 6.32 0.57 -0.38
CA ARG A 2 5.22 0.67 -1.38
C ARG A 2 4.34 -0.58 -1.27
N GLU A 3 4.88 -1.61 -0.68
CA GLU A 3 4.08 -2.86 -0.51
C GLU A 3 3.15 -2.65 0.70
N ASN A 4 3.55 -1.82 1.63
CA ASN A 4 2.68 -1.54 2.80
C ASN A 4 1.48 -0.75 2.30
N LEU A 5 1.72 0.32 1.59
CA LEU A 5 0.57 1.11 1.05
C LEU A 5 -0.23 0.21 0.12
N LYS A 6 0.44 -0.60 -0.65
CA LYS A 6 -0.28 -1.51 -1.58
C LYS A 6 -1.32 -2.30 -0.79
N ASP A 7 -1.01 -2.65 0.43
CA ASP A 7 -1.99 -3.41 1.26
C ASP A 7 -3.14 -2.48 1.61
N SER A 8 -2.86 -1.22 1.80
CA SER A 8 -3.96 -0.27 2.12
C SER A 8 -4.88 -0.17 0.91
N GLY A 9 -4.33 -0.23 -0.27
CA GLY A 9 -5.18 -0.16 -1.50
C GLY A 9 -5.61 1.29 -1.76
N LEU A 10 -5.31 2.18 -0.86
CA LEU A 10 -5.67 3.61 -1.07
C LEU A 10 -4.56 4.30 -1.86
N PHE A 11 -3.73 3.52 -2.50
CA PHE A 11 -2.60 4.09 -3.29
C PHE A 11 -2.31 3.17 -4.47
N ILE A 1 7.55 -1.22 2.11
CA ILE A 1 7.41 0.24 1.82
C ILE A 1 6.18 0.46 0.94
N ARG A 2 6.37 0.76 -0.31
CA ARG A 2 5.21 0.96 -1.21
C ARG A 2 4.35 -0.31 -1.16
N GLU A 3 4.89 -1.38 -0.64
CA GLU A 3 4.11 -2.63 -0.53
C GLU A 3 3.18 -2.51 0.68
N ASN A 4 3.56 -1.71 1.64
CA ASN A 4 2.68 -1.50 2.82
C ASN A 4 1.46 -0.71 2.33
N LEU A 5 1.69 0.36 1.63
CA LEU A 5 0.55 1.16 1.10
C LEU A 5 -0.25 0.28 0.14
N LYS A 6 0.44 -0.52 -0.62
CA LYS A 6 -0.25 -1.44 -1.57
C LYS A 6 -1.30 -2.25 -0.83
N ASP A 7 -1.01 -2.62 0.39
CA ASP A 7 -2.00 -3.42 1.18
C ASP A 7 -3.19 -2.52 1.53
N SER A 8 -2.94 -1.30 1.90
CA SER A 8 -4.08 -0.40 2.24
C SER A 8 -5.00 -0.30 1.02
N GLY A 9 -4.45 -0.28 -0.17
CA GLY A 9 -5.31 -0.21 -1.39
C GLY A 9 -5.71 1.23 -1.68
N LEU A 10 -5.24 2.18 -0.90
CA LEU A 10 -5.60 3.60 -1.14
C LEU A 10 -4.53 4.25 -2.03
N PHE A 11 -3.65 3.46 -2.57
CA PHE A 11 -2.56 4.00 -3.45
C PHE A 11 -2.49 3.17 -4.74
N ILE A 1 8.48 0.79 1.71
CA ILE A 1 7.15 0.38 2.24
C ILE A 1 6.11 0.44 1.10
N ARG A 2 6.53 0.31 -0.12
CA ARG A 2 5.58 0.35 -1.27
C ARG A 2 4.55 -0.77 -1.15
N GLU A 3 4.93 -1.87 -0.57
CA GLU A 3 3.95 -3.01 -0.42
C GLU A 3 3.05 -2.74 0.77
N ASN A 4 3.47 -1.89 1.67
CA ASN A 4 2.61 -1.57 2.84
C ASN A 4 1.42 -0.76 2.33
N LEU A 5 1.69 0.31 1.61
CA LEU A 5 0.59 1.14 1.06
C LEU A 5 -0.21 0.30 0.06
N LYS A 6 0.45 -0.54 -0.69
CA LYS A 6 -0.27 -1.38 -1.68
C LYS A 6 -1.35 -2.19 -0.97
N ASP A 7 -1.08 -2.66 0.22
CA ASP A 7 -2.09 -3.43 0.96
C ASP A 7 -3.25 -2.50 1.35
N SER A 8 -2.95 -1.34 1.86
CA SER A 8 -4.05 -0.41 2.23
C SER A 8 -4.98 -0.23 1.03
N GLY A 9 -4.44 -0.19 -0.17
CA GLY A 9 -5.32 -0.04 -1.37
C GLY A 9 -5.73 1.42 -1.58
N LEU A 10 -5.25 2.32 -0.77
CA LEU A 10 -5.61 3.76 -0.96
C LEU A 10 -4.65 4.36 -1.99
N PHE A 11 -3.78 3.54 -2.53
CA PHE A 11 -2.79 4.02 -3.54
C PHE A 11 -2.71 3.02 -4.69
N ILE A 1 7.51 -1.21 2.17
CA ILE A 1 7.34 0.24 1.84
C ILE A 1 6.14 0.40 0.90
N ARG A 2 6.39 0.69 -0.35
CA ARG A 2 5.26 0.85 -1.31
C ARG A 2 4.38 -0.38 -1.22
N GLU A 3 4.89 -1.44 -0.64
CA GLU A 3 4.08 -2.68 -0.50
C GLU A 3 3.15 -2.49 0.70
N ASN A 4 3.54 -1.67 1.64
CA ASN A 4 2.66 -1.40 2.81
C ASN A 4 1.45 -0.62 2.31
N LEU A 5 1.69 0.44 1.59
CA LEU A 5 0.55 1.25 1.06
C LEU A 5 -0.25 0.35 0.12
N LYS A 6 0.43 -0.48 -0.62
CA LYS A 6 -0.26 -1.40 -1.57
C LYS A 6 -1.30 -2.23 -0.80
N ASP A 7 -0.99 -2.59 0.42
CA ASP A 7 -1.95 -3.38 1.22
C ASP A 7 -3.18 -2.54 1.52
N SER A 8 -2.99 -1.31 1.94
CA SER A 8 -4.17 -0.45 2.22
C SER A 8 -5.03 -0.34 0.96
N GLY A 9 -4.41 -0.31 -0.19
CA GLY A 9 -5.19 -0.23 -1.46
C GLY A 9 -5.62 1.21 -1.75
N LEU A 10 -5.26 2.14 -0.89
CA LEU A 10 -5.65 3.56 -1.12
C LEU A 10 -4.56 4.24 -1.96
N PHE A 11 -3.67 3.47 -2.52
CA PHE A 11 -2.56 4.03 -3.34
C PHE A 11 -2.41 3.20 -4.62
N ILE A 1 8.50 0.45 1.17
CA ILE A 1 7.24 0.51 1.97
C ILE A 1 6.05 0.45 1.00
N ARG A 2 6.28 0.70 -0.26
CA ARG A 2 5.18 0.68 -1.26
C ARG A 2 4.33 -0.59 -1.09
N GLU A 3 4.87 -1.64 -0.53
CA GLU A 3 4.06 -2.88 -0.38
C GLU A 3 3.07 -2.70 0.78
N ASN A 4 3.43 -1.95 1.79
CA ASN A 4 2.48 -1.71 2.91
C ASN A 4 1.32 -0.87 2.37
N LEU A 5 1.62 0.21 1.72
CA LEU A 5 0.53 1.07 1.16
C LEU A 5 -0.26 0.24 0.15
N LYS A 6 0.42 -0.60 -0.60
CA LYS A 6 -0.27 -1.45 -1.59
C LYS A 6 -1.37 -2.25 -0.90
N ASP A 7 -1.10 -2.67 0.32
CA ASP A 7 -2.13 -3.45 1.07
C ASP A 7 -3.30 -2.54 1.42
N SER A 8 -3.03 -1.33 1.85
CA SER A 8 -4.14 -0.41 2.19
C SER A 8 -5.05 -0.26 0.96
N GLY A 9 -4.48 -0.22 -0.22
CA GLY A 9 -5.32 -0.09 -1.44
C GLY A 9 -5.65 1.38 -1.71
N LEU A 10 -5.22 2.28 -0.87
CA LEU A 10 -5.50 3.72 -1.10
C LEU A 10 -4.37 4.32 -1.95
N PHE A 11 -3.52 3.47 -2.48
CA PHE A 11 -2.38 3.96 -3.31
C PHE A 11 -2.25 3.06 -4.55
N ILE A 1 8.55 0.58 1.89
CA ILE A 1 7.18 0.38 2.44
C ILE A 1 6.16 0.46 1.28
N ARG A 2 6.64 0.44 0.07
CA ARG A 2 5.73 0.54 -1.10
C ARG A 2 4.68 -0.58 -1.10
N GLU A 3 5.03 -1.74 -0.63
CA GLU A 3 4.03 -2.86 -0.62
C GLU A 3 3.06 -2.69 0.55
N ASN A 4 3.47 -2.03 1.60
CA ASN A 4 2.53 -1.83 2.73
C ASN A 4 1.39 -0.93 2.26
N LEU A 5 1.71 0.13 1.57
CA LEU A 5 0.65 1.05 1.06
C LEU A 5 -0.23 0.28 0.07
N LYS A 6 0.36 -0.47 -0.81
CA LYS A 6 -0.45 -1.25 -1.79
C LYS A 6 -1.51 -2.05 -1.03
N ASP A 7 -1.15 -2.55 0.13
CA ASP A 7 -2.13 -3.33 0.94
C ASP A 7 -3.25 -2.40 1.41
N SER A 8 -2.90 -1.23 1.88
CA SER A 8 -3.96 -0.29 2.33
C SER A 8 -4.98 -0.12 1.20
N GLY A 9 -4.54 -0.18 -0.04
CA GLY A 9 -5.50 -0.06 -1.17
C GLY A 9 -5.81 1.41 -1.45
N LEU A 10 -5.22 2.32 -0.73
CA LEU A 10 -5.48 3.76 -0.98
C LEU A 10 -4.46 4.27 -2.02
N PHE A 11 -3.82 3.35 -2.70
CA PHE A 11 -2.81 3.74 -3.72
C PHE A 11 -2.96 2.83 -4.94
#